data_6P4S
#
_entry.id   6P4S
#
_cell.length_a   61.068
_cell.length_b   97.498
_cell.length_c   118.437
_cell.angle_alpha   90.00
_cell.angle_beta   90.00
_cell.angle_gamma   90.00
#
_symmetry.space_group_name_H-M   'P 21 21 21'
#
loop_
_entity.id
_entity.type
_entity.pdbx_description
1 polymer 'Putative pertussis-like toxin subunit'
2 water water
#
_entity_poly.entity_id   1
_entity_poly.type   'polypeptide(L)'
_entity_poly.pdbx_seq_one_letter_code
;MYMSKYVPVYTLLILIYSFNASAEWTGDNTNAYYSDEVISELHVGQIDTSPYFCIKTVKANGSGIPVVACAVSKQSIWAP
SFKELLDQARYFYSTGQSVRIHVQKNIWTYPLFVNTFSANALVGLSSCSATQCFGPKLEHHHHHH
;
_entity_poly.pdbx_strand_id   A,B,C,D,E
#
# COMPACT_ATOMS: atom_id res chain seq x y z
N GLU A 24 -8.99 -11.01 25.10
CA GLU A 24 -9.55 -9.72 24.69
C GLU A 24 -10.03 -9.82 23.24
N TRP A 25 -10.96 -8.94 22.88
CA TRP A 25 -11.56 -8.95 21.56
C TRP A 25 -12.22 -7.61 21.36
N THR A 26 -12.10 -7.08 20.15
CA THR A 26 -12.88 -5.92 19.73
C THR A 26 -14.31 -5.96 20.26
N GLY A 27 -14.94 -7.13 20.19
CA GLY A 27 -16.33 -7.33 20.54
C GLY A 27 -16.63 -7.56 22.01
N ASP A 28 -15.63 -7.56 22.90
CA ASP A 28 -15.90 -7.64 24.34
C ASP A 28 -16.90 -6.57 24.76
N ASN A 29 -17.79 -6.92 25.69
CA ASN A 29 -18.74 -5.92 26.14
C ASN A 29 -18.11 -4.87 27.05
N THR A 30 -16.85 -5.03 27.44
CA THR A 30 -16.18 -3.93 28.12
C THR A 30 -15.77 -2.81 27.19
N ASN A 31 -15.89 -3.00 25.88
CA ASN A 31 -15.58 -1.95 24.92
C ASN A 31 -16.85 -1.23 24.52
N ALA A 32 -16.69 -0.02 23.98
CA ALA A 32 -17.83 0.76 23.52
C ALA A 32 -17.82 0.83 22.01
N TYR A 33 -18.98 1.10 21.43
CA TYR A 33 -19.05 1.24 19.98
C TYR A 33 -20.13 2.25 19.63
N TYR A 34 -19.99 2.82 18.44
CA TYR A 34 -20.90 3.86 17.96
C TYR A 34 -21.19 3.55 16.49
N SER A 35 -22.46 3.33 16.17
CA SER A 35 -22.86 2.86 14.84
C SER A 35 -23.22 4.02 13.92
N ASP A 36 -23.18 3.73 12.62
CA ASP A 36 -23.63 4.68 11.59
C ASP A 36 -22.90 6.00 11.69
N GLU A 37 -21.58 5.90 11.88
CA GLU A 37 -20.66 7.04 11.94
C GLU A 37 -19.92 7.14 10.61
N VAL A 38 -19.25 8.28 10.43
CA VAL A 38 -18.32 8.47 9.33
C VAL A 38 -17.05 9.08 9.91
N ILE A 39 -15.93 8.76 9.28
CA ILE A 39 -14.64 9.23 9.74
C ILE A 39 -14.41 10.61 9.11
N SER A 40 -14.43 11.65 9.94
CA SER A 40 -14.35 13.00 9.40
C SER A 40 -12.94 13.58 9.42
N GLU A 41 -12.05 13.10 10.28
CA GLU A 41 -10.72 13.68 10.38
C GLU A 41 -9.73 12.59 10.75
N LEU A 42 -8.46 12.82 10.39
CA LEU A 42 -7.38 11.87 10.59
C LEU A 42 -6.11 12.65 10.92
N HIS A 43 -5.32 12.16 11.88
CA HIS A 43 -4.10 12.79 12.34
C HIS A 43 -3.04 11.72 12.53
N VAL A 44 -1.79 12.00 12.16
CA VAL A 44 -0.70 11.06 12.41
C VAL A 44 0.43 11.79 13.11
N GLY A 45 1.06 11.12 14.07
CA GLY A 45 2.12 11.73 14.83
C GLY A 45 2.93 10.69 15.55
N GLN A 46 3.72 11.16 16.53
CA GLN A 46 4.58 10.30 17.32
C GLN A 46 4.59 10.77 18.77
N ILE A 47 4.65 9.81 19.69
CA ILE A 47 4.78 10.16 21.10
C ILE A 47 5.60 9.06 21.77
N ASP A 48 6.60 9.46 22.54
CA ASP A 48 7.43 8.54 23.32
C ASP A 48 7.98 7.41 22.44
N THR A 49 8.50 7.80 21.28
CA THR A 49 9.12 6.95 20.24
C THR A 49 8.13 6.04 19.54
N SER A 50 6.82 6.26 19.68
CA SER A 50 5.85 5.41 19.01
C SER A 50 5.03 6.21 18.01
N PRO A 51 5.02 5.82 16.74
CA PRO A 51 3.98 6.31 15.82
C PRO A 51 2.59 6.12 16.42
N TYR A 52 1.71 7.07 16.14
CA TYR A 52 0.33 6.96 16.57
C TYR A 52 -0.54 7.66 15.54
N PHE A 53 -1.81 7.28 15.48
CA PHE A 53 -2.80 8.06 14.75
C PHE A 53 -4.08 8.19 15.57
N CYS A 54 -4.86 9.20 15.23
CA CYS A 54 -6.17 9.40 15.82
C CYS A 54 -7.17 9.70 14.71
N ILE A 55 -8.43 9.36 14.96
CA ILE A 55 -9.51 9.72 14.06
C ILE A 55 -10.60 10.39 14.85
N LYS A 56 -11.35 11.24 14.15
CA LYS A 56 -12.58 11.80 14.64
C LYS A 56 -13.72 11.22 13.81
N THR A 57 -14.79 10.79 14.47
CA THR A 57 -15.98 10.32 13.77
C THR A 57 -17.21 11.07 14.25
N VAL A 58 -18.18 11.18 13.34
CA VAL A 58 -19.46 11.80 13.66
C VAL A 58 -20.55 10.92 13.07
N LYS A 59 -21.72 10.95 13.71
CA LYS A 59 -22.89 10.25 13.16
C LYS A 59 -23.13 10.69 11.72
N ALA A 60 -23.38 9.73 10.83
CA ALA A 60 -23.65 10.07 9.44
C ALA A 60 -24.78 11.10 9.32
N ASN A 61 -25.79 11.00 10.19
CA ASN A 61 -26.98 11.83 10.06
C ASN A 61 -26.85 13.19 10.73
N GLY A 62 -25.69 13.51 11.33
CA GLY A 62 -25.47 14.79 11.94
C GLY A 62 -25.81 14.89 13.42
N SER A 63 -26.52 13.90 13.98
CA SER A 63 -26.91 13.96 15.38
C SER A 63 -25.72 13.64 16.31
N GLY A 64 -25.90 13.97 17.58
CA GLY A 64 -24.95 13.56 18.61
C GLY A 64 -23.70 14.43 18.61
N ILE A 65 -22.65 13.90 19.25
CA ILE A 65 -21.36 14.56 19.39
C ILE A 65 -20.31 13.67 18.74
N PRO A 66 -19.13 14.21 18.45
CA PRO A 66 -18.08 13.39 17.82
C PRO A 66 -17.50 12.35 18.77
N VAL A 67 -16.83 11.37 18.17
CA VAL A 67 -16.03 10.37 18.87
C VAL A 67 -14.60 10.58 18.43
N VAL A 68 -13.67 10.49 19.37
CA VAL A 68 -12.24 10.54 19.07
C VAL A 68 -11.59 9.29 19.63
N ALA A 69 -10.72 8.67 18.83
CA ALA A 69 -10.00 7.49 19.28
C ALA A 69 -8.65 7.41 18.58
N CYS A 70 -7.68 6.84 19.28
CA CYS A 70 -6.31 6.75 18.81
C CYS A 70 -5.77 5.35 18.96
N ALA A 71 -4.78 5.05 18.15
CA ALA A 71 -4.01 3.81 18.27
C ALA A 71 -2.55 4.22 18.38
N VAL A 72 -1.84 3.61 19.32
CA VAL A 72 -0.46 3.93 19.61
C VAL A 72 0.36 2.68 19.33
N SER A 73 1.26 2.76 18.35
CA SER A 73 1.79 1.57 17.68
C SER A 73 2.48 0.61 18.64
N LYS A 74 3.17 1.13 19.64
CA LYS A 74 3.99 0.30 20.51
C LYS A 74 3.33 -0.02 21.86
N GLN A 75 2.12 0.50 22.10
CA GLN A 75 1.50 0.51 23.42
C GLN A 75 0.22 -0.31 23.43
N SER A 76 -0.01 -1.00 24.55
CA SER A 76 -1.21 -1.74 24.92
C SER A 76 -1.39 -3.05 24.17
N ILE A 77 -2.36 -3.83 24.63
CA ILE A 77 -2.62 -5.14 24.05
C ILE A 77 -3.05 -5.01 22.60
N TRP A 78 -3.56 -3.84 22.19
CA TRP A 78 -4.01 -3.59 20.82
C TRP A 78 -2.87 -3.23 19.88
N ALA A 79 -1.64 -3.11 20.37
CA ALA A 79 -0.53 -2.72 19.51
C ALA A 79 -0.39 -3.56 18.25
N PRO A 80 -0.54 -4.90 18.27
CA PRO A 80 -0.33 -5.66 17.04
C PRO A 80 -1.23 -5.23 15.88
N SER A 81 -2.36 -4.58 16.16
CA SER A 81 -3.34 -4.22 15.14
C SER A 81 -3.18 -2.79 14.63
N PHE A 82 -2.11 -2.10 15.04
CA PHE A 82 -1.92 -0.69 14.66
C PHE A 82 -1.97 -0.52 13.14
N LYS A 83 -1.11 -1.23 12.40
CA LYS A 83 -1.06 -1.04 10.95
C LYS A 83 -2.42 -1.38 10.30
N GLU A 84 -3.01 -2.51 10.69
CA GLU A 84 -4.29 -2.89 10.11
C GLU A 84 -5.34 -1.81 10.35
N LEU A 85 -5.38 -1.26 11.56
CA LEU A 85 -6.36 -0.23 11.91
C LEU A 85 -6.07 1.08 11.17
N LEU A 86 -4.80 1.48 11.07
CA LEU A 86 -4.47 2.68 10.33
C LEU A 86 -4.84 2.54 8.85
N ASP A 87 -4.47 1.41 8.24
CA ASP A 87 -4.82 1.20 6.84
C ASP A 87 -6.34 1.25 6.66
N GLN A 88 -7.07 0.65 7.60
CA GLN A 88 -8.53 0.61 7.44
C GLN A 88 -9.17 1.95 7.74
N ALA A 89 -8.64 2.67 8.74
CA ALA A 89 -9.06 4.03 9.01
C ALA A 89 -8.88 4.91 7.78
N ARG A 90 -7.72 4.81 7.13
CA ARG A 90 -7.45 5.60 5.93
C ARG A 90 -8.47 5.28 4.83
N TYR A 91 -8.77 4.00 4.62
CA TYR A 91 -9.68 3.67 3.53
C TYR A 91 -11.08 4.20 3.81
N PHE A 92 -11.61 3.95 5.02
CA PHE A 92 -12.94 4.47 5.33
C PHE A 92 -12.96 5.99 5.36
N TYR A 93 -11.86 6.60 5.77
CA TYR A 93 -11.75 8.06 5.73
C TYR A 93 -11.84 8.56 4.29
N SER A 94 -11.20 7.84 3.37
CA SER A 94 -11.16 8.29 1.98
C SER A 94 -12.52 8.14 1.29
N THR A 95 -13.32 7.14 1.69
CA THR A 95 -14.63 6.95 1.06
C THR A 95 -15.73 7.76 1.72
N GLY A 96 -15.58 8.08 3.01
CA GLY A 96 -16.67 8.65 3.79
C GLY A 96 -17.85 7.72 3.98
N GLN A 97 -17.66 6.41 3.87
CA GLN A 97 -18.80 5.52 4.02
C GLN A 97 -19.16 5.38 5.50
N SER A 98 -20.38 4.90 5.75
CA SER A 98 -20.84 4.69 7.12
C SER A 98 -20.11 3.51 7.76
N VAL A 99 -19.71 3.66 9.02
CA VAL A 99 -18.94 2.65 9.73
C VAL A 99 -19.43 2.58 11.17
N ARG A 100 -19.07 1.47 11.83
CA ARG A 100 -19.15 1.36 13.27
C ARG A 100 -17.73 1.45 13.83
N ILE A 101 -17.51 2.36 14.78
CA ILE A 101 -16.21 2.52 15.44
C ILE A 101 -16.27 1.83 16.79
N HIS A 102 -15.25 1.02 17.10
CA HIS A 102 -15.17 0.31 18.37
C HIS A 102 -13.98 0.86 19.16
N VAL A 103 -14.17 1.15 20.45
CA VAL A 103 -13.11 1.74 21.27
C VAL A 103 -13.06 1.09 22.65
N GLN A 104 -11.89 1.16 23.27
CA GLN A 104 -11.73 0.91 24.70
C GLN A 104 -11.47 2.26 25.38
N LYS A 105 -12.32 2.61 26.33
CA LYS A 105 -12.22 3.94 26.91
C LYS A 105 -11.13 3.98 27.97
N ASN A 106 -10.67 5.19 28.27
CA ASN A 106 -9.78 5.49 29.41
C ASN A 106 -8.57 4.57 29.47
N ILE A 107 -7.71 4.65 28.45
CA ILE A 107 -6.44 3.92 28.48
C ILE A 107 -5.24 4.83 28.30
N TRP A 108 -5.29 5.76 27.35
CA TRP A 108 -4.14 6.65 27.14
C TRP A 108 -4.04 7.66 28.28
N THR A 109 -2.81 8.13 28.57
CA THR A 109 -2.56 8.84 29.83
C THR A 109 -1.89 10.22 29.73
N TYR A 110 -1.03 10.49 28.73
CA TYR A 110 -0.34 11.79 28.68
C TYR A 110 -1.39 12.92 28.65
N PRO A 111 -1.45 13.79 29.66
CA PRO A 111 -2.62 14.67 29.78
C PRO A 111 -2.90 15.53 28.57
N LEU A 112 -1.89 16.15 27.95
CA LEU A 112 -2.18 17.00 26.80
C LEU A 112 -2.60 16.17 25.59
N PHE A 113 -2.10 14.94 25.48
CA PHE A 113 -2.53 14.05 24.42
C PHE A 113 -4.01 13.71 24.58
N VAL A 114 -4.38 13.23 25.77
CA VAL A 114 -5.77 12.94 26.09
C VAL A 114 -6.65 14.16 25.81
N ASN A 115 -6.17 15.34 26.21
CA ASN A 115 -7.01 16.54 26.10
C ASN A 115 -7.14 17.01 24.65
N THR A 116 -6.07 16.85 23.85
CA THR A 116 -6.16 17.16 22.43
C THR A 116 -7.03 16.14 21.70
N PHE A 117 -6.92 14.87 22.07
CA PHE A 117 -7.59 13.81 21.37
C PHE A 117 -8.54 13.15 22.34
N SER A 118 -8.17 12.00 22.91
CA SER A 118 -8.99 11.35 23.93
C SER A 118 -8.16 10.25 24.55
N ALA A 119 -8.73 9.60 25.57
CA ALA A 119 -8.09 8.42 26.15
C ALA A 119 -8.61 7.12 25.54
N ASN A 120 -9.43 7.20 24.49
CA ASN A 120 -9.97 6.01 23.84
C ASN A 120 -8.92 5.34 22.96
N ALA A 121 -8.78 4.01 23.10
CA ALA A 121 -8.05 3.25 22.09
C ALA A 121 -9.03 2.81 21.01
N LEU A 122 -8.61 2.93 19.76
CA LEU A 122 -9.39 2.39 18.65
C LEU A 122 -9.11 0.90 18.61
N VAL A 123 -10.16 0.08 18.69
CA VAL A 123 -9.97 -1.37 18.73
C VAL A 123 -10.74 -2.10 17.63
N GLY A 124 -11.40 -1.38 16.74
CA GLY A 124 -12.06 -2.04 15.61
C GLY A 124 -12.85 -1.03 14.77
N LEU A 125 -13.06 -1.43 13.51
CA LEU A 125 -13.82 -0.65 12.54
C LEU A 125 -14.63 -1.59 11.66
N SER A 126 -15.94 -1.34 11.56
CA SER A 126 -16.86 -2.18 10.79
C SER A 126 -17.55 -1.34 9.72
N SER A 127 -17.68 -1.88 8.51
CA SER A 127 -18.55 -1.23 7.53
C SER A 127 -20.02 -1.36 7.95
N CYS A 128 -20.84 -0.39 7.55
CA CYS A 128 -22.28 -0.36 7.82
C CYS A 128 -23.02 0.08 6.55
N SER A 129 -22.79 -0.62 5.46
CA SER A 129 -23.44 -0.19 4.24
C SER A 129 -24.86 -0.72 4.13
N ALA A 130 -25.33 -1.43 5.16
CA ALA A 130 -26.59 -2.13 5.09
C ALA A 130 -27.52 -1.71 6.22
N THR A 131 -28.46 -2.60 6.58
CA THR A 131 -29.40 -2.30 7.64
C THR A 131 -28.69 -2.18 8.98
N GLN A 132 -27.81 -3.13 9.26
CA GLN A 132 -27.01 -3.21 10.47
C GLN A 132 -25.55 -3.04 10.09
N CYS A 133 -24.70 -2.79 11.09
CA CYS A 133 -23.27 -2.76 10.84
C CYS A 133 -22.69 -4.18 10.89
N PHE A 134 -21.67 -4.41 10.07
CA PHE A 134 -21.03 -5.73 9.97
C PHE A 134 -19.97 -5.83 11.06
N GLY A 135 -20.43 -6.08 12.29
CA GLY A 135 -19.53 -6.20 13.41
C GLY A 135 -20.26 -6.43 14.71
N PRO A 136 -19.54 -6.64 15.80
CA PRO A 136 -20.19 -6.95 17.07
C PRO A 136 -20.97 -5.77 17.64
N LYS A 137 -21.99 -6.08 18.45
CA LYS A 137 -22.83 -5.08 19.10
C LYS A 137 -23.43 -5.57 20.41
N GLU B 24 8.87 12.98 24.15
CA GLU B 24 8.66 13.84 22.98
C GLU B 24 7.29 13.54 22.40
N TRP B 25 6.73 14.52 21.71
CA TRP B 25 5.39 14.41 21.15
C TRP B 25 5.27 15.42 20.03
N THR B 26 4.67 14.99 18.93
CA THR B 26 4.26 15.89 17.85
C THR B 26 3.72 17.21 18.38
N GLY B 27 2.92 17.14 19.46
CA GLY B 27 2.24 18.31 19.99
C GLY B 27 2.99 19.14 20.99
N ASP B 28 4.23 18.78 21.35
CA ASP B 28 5.06 19.59 22.24
C ASP B 28 5.06 21.04 21.80
N ASN B 29 4.97 21.96 22.77
CA ASN B 29 4.93 23.36 22.36
C ASN B 29 6.28 23.88 21.88
N THR B 30 7.34 23.08 21.97
CA THR B 30 8.62 23.44 21.36
C THR B 30 8.68 23.06 19.89
N ASN B 31 7.70 22.32 19.38
CA ASN B 31 7.57 22.13 17.95
C ASN B 31 6.79 23.31 17.34
N ALA B 32 6.83 23.41 16.03
CA ALA B 32 6.10 24.44 15.30
C ALA B 32 5.00 23.80 14.45
N TYR B 33 3.97 24.57 14.13
CA TYR B 33 2.92 24.06 13.25
C TYR B 33 2.40 25.18 12.36
N TYR B 34 1.87 24.77 11.20
CA TYR B 34 1.33 25.69 10.19
C TYR B 34 -0.02 25.14 9.71
N SER B 35 -1.10 25.86 9.98
CA SER B 35 -2.45 25.38 9.74
C SER B 35 -2.96 25.75 8.35
N ASP B 36 -3.89 24.92 7.85
CA ASP B 36 -4.56 25.15 6.56
C ASP B 36 -3.57 25.27 5.41
N GLU B 37 -2.63 24.32 5.37
CA GLU B 37 -1.61 24.26 4.34
C GLU B 37 -1.96 23.19 3.32
N VAL B 38 -1.49 23.36 2.09
CA VAL B 38 -1.68 22.38 1.03
C VAL B 38 -0.32 21.79 0.69
N ILE B 39 -0.25 20.46 0.61
CA ILE B 39 1.04 19.84 0.29
C ILE B 39 1.22 19.90 -1.22
N SER B 40 2.10 20.78 -1.70
CA SER B 40 2.12 21.10 -3.11
C SER B 40 3.23 20.38 -3.89
N GLU B 41 4.24 19.87 -3.21
CA GLU B 41 5.31 19.15 -3.89
C GLU B 41 5.82 18.06 -2.96
N LEU B 42 6.42 17.04 -3.58
CA LEU B 42 6.94 15.93 -2.80
C LEU B 42 8.17 15.38 -3.51
N HIS B 43 9.18 15.03 -2.72
CA HIS B 43 10.45 14.55 -3.23
C HIS B 43 10.90 13.34 -2.42
N VAL B 44 11.47 12.35 -3.09
CA VAL B 44 12.05 11.18 -2.44
C VAL B 44 13.48 11.02 -2.91
N GLY B 45 14.37 10.75 -1.98
CA GLY B 45 15.77 10.51 -2.27
C GLY B 45 16.43 9.71 -1.17
N GLN B 46 17.76 9.75 -1.16
CA GLN B 46 18.57 9.09 -0.15
C GLN B 46 19.69 10.02 0.28
N ILE B 47 20.04 9.96 1.58
CA ILE B 47 21.16 10.73 2.12
C ILE B 47 21.80 9.96 3.27
N ASP B 48 23.12 9.83 3.21
CA ASP B 48 23.93 9.23 4.27
C ASP B 48 23.32 7.90 4.77
N THR B 49 23.02 7.01 3.82
CA THR B 49 22.49 5.65 3.95
C THR B 49 20.99 5.59 4.16
N SER B 50 20.28 6.73 4.22
CA SER B 50 18.89 6.76 4.65
C SER B 50 17.99 7.24 3.52
N PRO B 51 16.97 6.47 3.14
CA PRO B 51 15.87 7.04 2.35
C PRO B 51 15.26 8.18 3.13
N TYR B 52 14.88 9.23 2.41
CA TYR B 52 14.24 10.38 3.00
C TYR B 52 13.20 10.89 2.02
N PHE B 53 12.34 11.78 2.50
CA PHE B 53 11.43 12.47 1.62
C PHE B 53 11.26 13.88 2.16
N CYS B 54 10.92 14.80 1.28
CA CYS B 54 10.59 16.15 1.70
C CYS B 54 9.27 16.57 1.06
N ILE B 55 8.58 17.47 1.72
CA ILE B 55 7.34 18.01 1.19
C ILE B 55 7.44 19.52 1.26
N LYS B 56 6.74 20.17 0.33
CA LYS B 56 6.58 21.62 0.29
C LYS B 56 5.11 21.90 0.52
N THR B 57 4.82 22.80 1.46
CA THR B 57 3.43 23.18 1.71
C THR B 57 3.28 24.69 1.55
N VAL B 58 2.08 25.09 1.12
CA VAL B 58 1.71 26.49 0.98
C VAL B 58 0.35 26.70 1.62
N LYS B 59 0.16 27.89 2.19
CA LYS B 59 -1.15 28.25 2.72
C LYS B 59 -2.21 28.08 1.64
N ALA B 60 -3.32 27.43 2.01
CA ALA B 60 -4.45 27.33 1.10
C ALA B 60 -4.93 28.70 0.63
N ASN B 61 -4.87 29.70 1.51
CA ASN B 61 -5.41 31.01 1.14
C ASN B 61 -4.43 31.86 0.34
N GLY B 62 -3.27 31.31 -0.02
CA GLY B 62 -2.32 32.00 -0.86
C GLY B 62 -1.35 32.92 -0.14
N SER B 63 -1.52 33.11 1.16
CA SER B 63 -0.70 34.04 1.91
C SER B 63 0.60 33.39 2.36
N GLY B 64 1.55 34.24 2.79
CA GLY B 64 2.75 33.78 3.45
C GLY B 64 3.78 33.15 2.52
N ILE B 65 4.63 32.34 3.14
CA ILE B 65 5.82 31.77 2.52
C ILE B 65 5.68 30.24 2.57
N PRO B 66 6.21 29.50 1.60
CA PRO B 66 6.14 28.04 1.67
C PRO B 66 6.90 27.46 2.86
N VAL B 67 6.38 26.34 3.38
CA VAL B 67 7.02 25.56 4.44
C VAL B 67 7.63 24.32 3.81
N VAL B 68 8.85 23.96 4.23
CA VAL B 68 9.51 22.74 3.75
C VAL B 68 9.85 21.90 4.97
N ALA B 69 9.62 20.59 4.87
CA ALA B 69 9.95 19.71 5.97
C ALA B 69 10.29 18.34 5.42
N CYS B 70 11.14 17.62 6.16
CA CYS B 70 11.72 16.39 5.65
C CYS B 70 11.72 15.37 6.77
N ALA B 71 11.70 14.10 6.37
CA ALA B 71 11.77 12.96 7.26
C ALA B 71 12.86 12.05 6.73
N VAL B 72 13.73 11.56 7.62
CA VAL B 72 14.87 10.74 7.22
C VAL B 72 14.84 9.42 7.97
N SER B 73 14.71 8.31 7.23
CA SER B 73 14.67 6.99 7.83
C SER B 73 15.86 6.80 8.75
N LYS B 74 15.59 6.33 9.96
CA LYS B 74 16.59 5.94 10.95
C LYS B 74 17.44 7.11 11.43
N GLN B 75 16.97 8.35 11.26
CA GLN B 75 17.69 9.51 11.76
C GLN B 75 16.75 10.43 12.53
N SER B 76 17.25 10.95 13.65
CA SER B 76 16.52 11.84 14.57
C SER B 76 15.56 11.04 15.42
N ILE B 77 15.03 11.67 16.47
CA ILE B 77 14.12 10.97 17.37
C ILE B 77 12.86 10.53 16.65
N TRP B 78 12.55 11.15 15.51
CA TRP B 78 11.30 10.92 14.79
C TRP B 78 11.39 9.79 13.78
N ALA B 79 12.55 9.13 13.69
CA ALA B 79 12.73 7.99 12.79
C ALA B 79 11.63 6.92 12.85
N PRO B 80 11.09 6.55 14.02
CA PRO B 80 10.08 5.47 14.03
C PRO B 80 8.87 5.78 13.17
N SER B 81 8.55 7.04 12.99
CA SER B 81 7.35 7.45 12.27
C SER B 81 7.59 7.69 10.79
N PHE B 82 8.79 7.39 10.29
CA PHE B 82 9.13 7.71 8.90
C PHE B 82 8.11 7.16 7.91
N LYS B 83 7.82 5.84 7.98
CA LYS B 83 6.91 5.26 7.00
C LYS B 83 5.50 5.80 7.16
N GLU B 84 5.03 5.92 8.40
CA GLU B 84 3.70 6.49 8.65
C GLU B 84 3.55 7.88 8.03
N LEU B 85 4.57 8.72 8.18
CA LEU B 85 4.46 10.10 7.71
C LEU B 85 4.56 10.16 6.20
N LEU B 86 5.41 9.33 5.61
CA LEU B 86 5.53 9.26 4.16
C LEU B 86 4.21 8.85 3.52
N ASP B 87 3.62 7.76 4.01
CA ASP B 87 2.32 7.32 3.48
C ASP B 87 1.28 8.43 3.64
N GLN B 88 1.21 9.02 4.83
CA GLN B 88 0.22 10.08 5.06
C GLN B 88 0.48 11.31 4.21
N ALA B 89 1.76 11.67 4.04
CA ALA B 89 2.09 12.82 3.20
C ALA B 89 1.69 12.54 1.76
N ARG B 90 1.93 11.31 1.27
CA ARG B 90 1.46 10.91 -0.06
C ARG B 90 -0.05 11.07 -0.18
N TYR B 91 -0.82 10.60 0.81
CA TYR B 91 -2.27 10.69 0.70
C TYR B 91 -2.72 12.14 0.60
N PHE B 92 -2.27 12.97 1.54
CA PHE B 92 -2.65 14.37 1.54
C PHE B 92 -2.13 15.11 0.31
N TYR B 93 -0.95 14.72 -0.18
CA TYR B 93 -0.44 15.29 -1.42
C TYR B 93 -1.35 14.95 -2.58
N SER B 94 -1.87 13.72 -2.61
CA SER B 94 -2.66 13.30 -3.76
C SER B 94 -4.04 13.93 -3.77
N THR B 95 -4.60 14.27 -2.60
CA THR B 95 -5.89 14.95 -2.54
C THR B 95 -5.79 16.47 -2.63
N GLY B 96 -4.67 17.06 -2.20
CA GLY B 96 -4.59 18.51 -2.17
C GLY B 96 -5.37 19.17 -1.05
N GLN B 97 -5.91 18.40 -0.11
CA GLN B 97 -6.71 18.97 0.97
C GLN B 97 -5.86 19.79 1.93
N SER B 98 -6.56 20.61 2.72
CA SER B 98 -5.91 21.49 3.68
C SER B 98 -5.56 20.73 4.96
N VAL B 99 -4.34 20.91 5.44
CA VAL B 99 -3.82 20.14 6.56
C VAL B 99 -3.03 21.07 7.48
N ARG B 100 -2.81 20.60 8.70
CA ARG B 100 -1.86 21.25 9.60
C ARG B 100 -0.57 20.44 9.60
N ILE B 101 0.55 21.13 9.36
CA ILE B 101 1.85 20.48 9.32
C ILE B 101 2.58 20.83 10.60
N HIS B 102 3.17 19.81 11.24
CA HIS B 102 3.88 19.94 12.50
C HIS B 102 5.34 19.59 12.25
N VAL B 103 6.26 20.44 12.75
CA VAL B 103 7.68 20.28 12.50
C VAL B 103 8.48 20.54 13.77
N GLN B 104 9.67 19.94 13.83
CA GLN B 104 10.69 20.38 14.78
C GLN B 104 11.77 21.10 14.00
N LYS B 105 12.03 22.35 14.36
CA LYS B 105 13.02 23.12 13.62
C LYS B 105 14.44 22.69 13.97
N ASN B 106 15.36 23.00 13.04
CA ASN B 106 16.80 22.90 13.28
C ASN B 106 17.23 21.49 13.68
N ILE B 107 16.71 20.50 12.98
CA ILE B 107 17.09 19.14 13.19
C ILE B 107 18.16 18.64 12.17
N TRP B 108 17.87 18.75 10.90
CA TRP B 108 18.80 18.27 9.90
C TRP B 108 19.98 19.23 9.77
N THR B 109 21.18 18.69 9.70
CA THR B 109 22.36 19.51 9.61
C THR B 109 23.21 19.45 8.34
N TYR B 110 22.89 18.56 7.41
CA TYR B 110 23.61 18.48 6.15
C TYR B 110 23.48 19.86 5.53
N PRO B 111 24.60 20.53 5.27
CA PRO B 111 24.51 21.89 4.75
C PRO B 111 23.85 22.02 3.36
N LEU B 112 24.25 21.23 2.40
CA LEU B 112 23.69 21.28 1.09
C LEU B 112 22.23 20.81 1.10
N PHE B 113 21.94 19.81 1.89
CA PHE B 113 20.59 19.30 2.04
C PHE B 113 19.71 20.38 2.59
N VAL B 114 20.13 21.01 3.67
CA VAL B 114 19.34 22.07 4.29
C VAL B 114 19.15 23.23 3.32
N ASN B 115 20.17 23.56 2.54
CA ASN B 115 20.06 24.66 1.58
C ASN B 115 19.01 24.35 0.53
N THR B 116 18.96 23.11 0.06
CA THR B 116 17.96 22.77 -0.96
C THR B 116 16.57 22.66 -0.35
N PHE B 117 16.48 22.05 0.83
CA PHE B 117 15.21 21.82 1.49
C PHE B 117 15.17 22.68 2.75
N SER B 118 15.30 22.11 3.93
CA SER B 118 15.32 22.87 5.18
C SER B 118 15.84 21.95 6.27
N ALA B 119 15.93 22.49 7.49
CA ALA B 119 16.34 21.72 8.65
C ALA B 119 15.15 21.14 9.42
N ASN B 120 13.93 21.40 8.96
CA ASN B 120 12.72 20.99 9.67
C ASN B 120 12.55 19.48 9.57
N ALA B 121 12.42 18.82 10.71
CA ALA B 121 11.91 17.45 10.71
C ALA B 121 10.38 17.51 10.74
N LEU B 122 9.74 16.82 9.78
CA LEU B 122 8.30 16.59 9.84
C LEU B 122 7.98 15.69 11.03
N VAL B 123 7.04 16.12 11.89
CA VAL B 123 6.71 15.35 13.09
C VAL B 123 5.22 15.02 13.19
N GLY B 124 4.39 15.49 12.26
CA GLY B 124 2.97 15.16 12.31
C GLY B 124 2.21 15.88 11.21
N LEU B 125 1.04 15.33 10.90
CA LEU B 125 0.13 15.89 9.91
C LEU B 125 -1.30 15.75 10.41
N SER B 126 -2.10 16.81 10.31
CA SER B 126 -3.49 16.80 10.78
C SER B 126 -4.43 17.29 9.70
N SER B 127 -5.49 16.53 9.42
CA SER B 127 -6.50 17.03 8.51
C SER B 127 -7.22 18.22 9.14
N CYS B 128 -7.80 19.06 8.28
CA CYS B 128 -8.55 20.24 8.72
C CYS B 128 -9.91 20.26 8.03
N SER B 129 -10.94 20.61 8.80
CA SER B 129 -12.16 21.16 8.23
C SER B 129 -11.91 22.63 7.88
N ALA B 130 -12.91 23.28 7.27
CA ALA B 130 -12.75 24.71 6.98
C ALA B 130 -12.61 25.56 8.24
N THR B 131 -12.98 25.03 9.41
CA THR B 131 -12.98 25.82 10.63
C THR B 131 -12.03 25.33 11.72
N GLN B 132 -11.55 24.09 11.67
CA GLN B 132 -10.60 23.64 12.68
C GLN B 132 -9.77 22.49 12.14
N CYS B 133 -8.52 22.45 12.60
CA CYS B 133 -7.62 21.35 12.32
C CYS B 133 -7.64 20.35 13.46
N PHE B 134 -7.63 19.06 13.10
CA PHE B 134 -7.75 17.96 14.07
C PHE B 134 -6.34 17.59 14.53
N GLY B 135 -5.78 18.43 15.41
CA GLY B 135 -4.46 18.20 15.93
C GLY B 135 -4.08 19.19 17.00
N PRO B 136 -2.92 18.98 17.63
CA PRO B 136 -2.49 19.88 18.71
C PRO B 136 -2.23 21.29 18.17
N LYS B 137 -2.41 22.26 19.05
CA LYS B 137 -2.28 23.67 18.71
C LYS B 137 -1.39 24.31 19.78
N LEU B 138 -1.49 25.64 19.92
CA LEU B 138 -0.73 26.42 20.91
C LEU B 138 0.79 26.31 20.71
N GLU C 24 -1.66 -28.54 2.65
CA GLU C 24 -2.94 -27.85 2.52
C GLU C 24 -2.94 -26.95 1.31
N TRP C 25 -4.13 -26.74 0.72
CA TRP C 25 -4.27 -25.91 -0.46
C TRP C 25 -5.67 -25.33 -0.51
N THR C 26 -5.75 -24.04 -0.83
CA THR C 26 -7.01 -23.37 -1.15
C THR C 26 -7.97 -24.31 -1.91
N GLY C 27 -7.43 -25.01 -2.92
CA GLY C 27 -8.22 -25.85 -3.81
C GLY C 27 -8.66 -27.20 -3.27
N ASP C 28 -8.19 -27.60 -2.08
CA ASP C 28 -8.59 -28.89 -1.51
C ASP C 28 -10.11 -29.05 -1.50
N ASN C 29 -10.60 -30.25 -1.81
CA ASN C 29 -12.05 -30.40 -1.87
C ASN C 29 -12.70 -30.44 -0.48
N THR C 30 -11.91 -30.46 0.59
CA THR C 30 -12.44 -30.29 1.93
C THR C 30 -12.70 -28.82 2.28
N ASN C 31 -12.37 -27.91 1.37
CA ASN C 31 -12.81 -26.53 1.47
C ASN C 31 -14.05 -26.34 0.62
N ALA C 32 -14.83 -25.32 0.94
CA ALA C 32 -16.02 -24.99 0.17
C ALA C 32 -15.78 -23.70 -0.59
N TYR C 33 -16.61 -23.44 -1.60
CA TYR C 33 -16.42 -22.21 -2.37
C TYR C 33 -17.77 -21.76 -2.93
N TYR C 34 -17.87 -20.45 -3.15
CA TYR C 34 -19.09 -19.83 -3.67
C TYR C 34 -18.72 -18.83 -4.76
N SER C 35 -19.32 -18.98 -5.93
CA SER C 35 -18.93 -18.22 -7.11
C SER C 35 -19.87 -17.04 -7.35
N ASP C 36 -19.35 -16.07 -8.11
CA ASP C 36 -20.14 -14.93 -8.57
C ASP C 36 -20.74 -14.17 -7.38
N GLU C 37 -19.88 -13.96 -6.38
CA GLU C 37 -20.17 -13.19 -5.19
C GLU C 37 -19.46 -11.85 -5.26
N VAL C 38 -19.97 -10.88 -4.51
CA VAL C 38 -19.35 -9.57 -4.36
C VAL C 38 -19.12 -9.33 -2.87
N ILE C 39 -17.94 -8.82 -2.52
CA ILE C 39 -17.70 -8.46 -1.12
C ILE C 39 -18.50 -7.21 -0.80
N SER C 40 -19.42 -7.33 0.15
CA SER C 40 -20.32 -6.22 0.48
C SER C 40 -20.04 -5.57 1.82
N GLU C 41 -19.30 -6.23 2.71
CA GLU C 41 -18.99 -5.65 4.02
C GLU C 41 -17.58 -6.08 4.40
N LEU C 42 -16.91 -5.26 5.22
CA LEU C 42 -15.56 -5.57 5.65
C LEU C 42 -15.37 -5.02 7.06
N HIS C 43 -14.73 -5.82 7.90
CA HIS C 43 -14.54 -5.49 9.32
C HIS C 43 -13.12 -5.84 9.70
N VAL C 44 -12.49 -5.01 10.55
CA VAL C 44 -11.18 -5.36 11.11
C VAL C 44 -11.22 -5.19 12.62
N GLY C 45 -10.41 -6.00 13.29
CA GLY C 45 -10.37 -5.99 14.72
C GLY C 45 -9.20 -6.80 15.22
N GLN C 46 -9.30 -7.22 16.48
CA GLN C 46 -8.26 -8.01 17.11
C GLN C 46 -8.90 -8.96 18.10
N ILE C 47 -8.36 -10.17 18.20
CA ILE C 47 -8.81 -11.14 19.19
C ILE C 47 -7.60 -11.94 19.68
N ASP C 48 -7.47 -12.07 21.00
CA ASP C 48 -6.43 -12.86 21.64
C ASP C 48 -5.04 -12.53 21.07
N THR C 49 -4.76 -11.22 20.98
CA THR C 49 -3.55 -10.57 20.51
C THR C 49 -3.35 -10.66 19.00
N SER C 50 -4.33 -11.18 18.26
CA SER C 50 -4.16 -11.36 16.84
C SER C 50 -5.03 -10.40 16.05
N PRO C 51 -4.46 -9.58 15.17
CA PRO C 51 -5.29 -8.87 14.20
C PRO C 51 -6.11 -9.86 13.40
N TYR C 52 -7.33 -9.47 13.04
CA TYR C 52 -8.17 -10.29 12.17
C TYR C 52 -9.01 -9.39 11.29
N PHE C 53 -9.57 -9.98 10.23
CA PHE C 53 -10.57 -9.28 9.45
C PHE C 53 -11.64 -10.28 9.03
N CYS C 54 -12.84 -9.76 8.79
CA CYS C 54 -13.94 -10.57 8.27
C CYS C 54 -14.51 -9.86 7.06
N ILE C 55 -15.04 -10.64 6.13
CA ILE C 55 -15.77 -10.09 4.99
C ILE C 55 -17.12 -10.79 4.90
N LYS C 56 -18.05 -10.08 4.27
CA LYS C 56 -19.36 -10.61 3.94
C LYS C 56 -19.53 -10.46 2.44
N THR C 57 -19.97 -11.53 1.78
CA THR C 57 -20.20 -11.53 0.35
C THR C 57 -21.63 -11.97 0.08
N VAL C 58 -22.18 -11.46 -1.02
CA VAL C 58 -23.53 -11.78 -1.50
C VAL C 58 -23.44 -12.11 -2.98
N LYS C 59 -24.37 -12.95 -3.44
CA LYS C 59 -24.43 -13.24 -4.87
C LYS C 59 -24.67 -11.95 -5.65
N ALA C 60 -23.92 -11.79 -6.74
CA ALA C 60 -24.12 -10.61 -7.57
C ALA C 60 -25.57 -10.50 -8.05
N ASN C 61 -26.22 -11.63 -8.30
CA ASN C 61 -27.59 -11.65 -8.81
C ASN C 61 -28.64 -11.59 -7.71
N GLY C 62 -28.21 -11.41 -6.45
CA GLY C 62 -29.12 -11.22 -5.34
C GLY C 62 -29.71 -12.47 -4.73
N SER C 63 -29.49 -13.63 -5.32
CA SER C 63 -30.05 -14.88 -4.81
C SER C 63 -29.24 -15.41 -3.63
N GLY C 64 -29.77 -16.42 -2.98
CA GLY C 64 -29.01 -17.11 -1.96
C GLY C 64 -28.91 -16.32 -0.66
N ILE C 65 -27.99 -16.78 0.19
CA ILE C 65 -27.74 -16.15 1.48
C ILE C 65 -26.28 -15.72 1.51
N PRO C 66 -25.93 -14.78 2.37
CA PRO C 66 -24.55 -14.25 2.36
C PRO C 66 -23.53 -15.28 2.83
N VAL C 67 -22.30 -15.10 2.36
CA VAL C 67 -21.15 -15.82 2.88
C VAL C 67 -20.38 -14.89 3.81
N VAL C 68 -20.00 -15.41 4.97
CA VAL C 68 -19.14 -14.70 5.92
C VAL C 68 -17.87 -15.54 6.13
N ALA C 69 -16.71 -14.90 6.07
CA ALA C 69 -15.46 -15.60 6.34
C ALA C 69 -14.49 -14.63 6.99
N CYS C 70 -13.61 -15.15 7.83
CA CYS C 70 -12.65 -14.36 8.58
C CYS C 70 -11.27 -14.97 8.44
N ALA C 71 -10.26 -14.11 8.50
CA ALA C 71 -8.86 -14.53 8.60
C ALA C 71 -8.30 -13.98 9.91
N VAL C 72 -7.52 -14.78 10.62
CA VAL C 72 -6.97 -14.41 11.92
C VAL C 72 -5.45 -14.58 11.86
N SER C 73 -4.73 -13.50 12.18
CA SER C 73 -3.35 -13.38 11.72
C SER C 73 -2.43 -14.48 12.24
N LYS C 74 -2.63 -14.93 13.47
CA LYS C 74 -1.72 -15.99 13.90
C LYS C 74 -2.48 -17.24 14.33
N GLN C 75 -3.61 -17.53 13.68
CA GLN C 75 -4.41 -18.70 14.02
C GLN C 75 -4.78 -19.48 12.76
N SER C 76 -4.86 -20.81 12.94
CA SER C 76 -5.22 -21.79 11.92
C SER C 76 -4.08 -21.99 10.93
N ILE C 77 -4.18 -23.02 10.09
CA ILE C 77 -3.13 -23.30 9.11
C ILE C 77 -3.05 -22.20 8.06
N TRP C 78 -4.12 -21.44 7.87
CA TRP C 78 -4.14 -20.37 6.89
C TRP C 78 -3.49 -19.07 7.38
N ALA C 79 -3.00 -19.02 8.61
CA ALA C 79 -2.28 -17.85 9.12
C ALA C 79 -1.30 -17.21 8.15
N PRO C 80 -0.42 -17.92 7.44
CA PRO C 80 0.60 -17.24 6.63
C PRO C 80 0.05 -16.32 5.54
N SER C 81 -1.18 -16.50 5.10
CA SER C 81 -1.68 -15.68 4.00
C SER C 81 -2.61 -14.56 4.48
N PHE C 82 -2.62 -14.26 5.77
CA PHE C 82 -3.49 -13.21 6.31
C PHE C 82 -3.33 -11.90 5.55
N LYS C 83 -2.09 -11.43 5.40
CA LYS C 83 -1.88 -10.12 4.78
C LYS C 83 -2.30 -10.15 3.32
N GLU C 84 -1.88 -11.18 2.59
CA GLU C 84 -2.26 -11.31 1.19
C GLU C 84 -3.77 -11.28 1.02
N LEU C 85 -4.49 -12.07 1.82
CA LEU C 85 -5.95 -12.11 1.71
C LEU C 85 -6.58 -10.78 2.14
N LEU C 86 -6.03 -10.13 3.17
CA LEU C 86 -6.55 -8.84 3.57
C LEU C 86 -6.40 -7.82 2.44
N ASP C 87 -5.21 -7.75 1.82
CA ASP C 87 -5.01 -6.80 0.73
C ASP C 87 -5.89 -7.14 -0.47
N GLN C 88 -6.07 -8.43 -0.76
CA GLN C 88 -6.87 -8.82 -1.93
C GLN C 88 -8.35 -8.55 -1.69
N ALA C 89 -8.82 -8.86 -0.48
CA ALA C 89 -10.20 -8.59 -0.10
C ALA C 89 -10.53 -7.12 -0.19
N ARG C 90 -9.59 -6.26 0.22
CA ARG C 90 -9.80 -4.81 0.10
C ARG C 90 -9.91 -4.40 -1.35
N TYR C 91 -9.07 -4.99 -2.21
CA TYR C 91 -9.11 -4.67 -3.63
C TYR C 91 -10.47 -5.04 -4.23
N PHE C 92 -10.90 -6.28 -4.02
CA PHE C 92 -12.17 -6.72 -4.60
C PHE C 92 -13.36 -5.97 -3.98
N TYR C 93 -13.27 -5.63 -2.69
CA TYR C 93 -14.27 -4.80 -2.03
C TYR C 93 -14.39 -3.44 -2.71
N SER C 94 -13.26 -2.78 -2.97
CA SER C 94 -13.34 -1.43 -3.55
C SER C 94 -13.81 -1.46 -5.00
N THR C 95 -13.53 -2.54 -5.74
CA THR C 95 -14.01 -2.60 -7.12
C THR C 95 -15.43 -3.15 -7.23
N GLY C 96 -15.88 -3.95 -6.27
CA GLY C 96 -17.20 -4.55 -6.36
C GLY C 96 -17.34 -5.64 -7.41
N GLN C 97 -16.24 -6.20 -7.86
CA GLN C 97 -16.35 -7.18 -8.92
C GLN C 97 -16.72 -8.56 -8.40
N SER C 98 -17.21 -9.39 -9.31
CA SER C 98 -17.68 -10.72 -8.99
C SER C 98 -16.49 -11.65 -8.75
N VAL C 99 -16.51 -12.38 -7.64
CA VAL C 99 -15.39 -13.23 -7.25
C VAL C 99 -15.92 -14.59 -6.80
N ARG C 100 -15.01 -15.55 -6.73
CA ARG C 100 -15.24 -16.80 -6.02
C ARG C 100 -14.56 -16.74 -4.65
N ILE C 101 -15.31 -17.00 -3.59
CA ILE C 101 -14.75 -16.99 -2.24
C ILE C 101 -14.55 -18.44 -1.81
N HIS C 102 -13.34 -18.72 -1.30
CA HIS C 102 -12.96 -20.05 -0.85
C HIS C 102 -12.81 -20.04 0.66
N VAL C 103 -13.47 -20.98 1.34
CA VAL C 103 -13.46 -21.00 2.80
C VAL C 103 -13.19 -22.42 3.30
N GLN C 104 -12.73 -22.52 4.54
CA GLN C 104 -12.76 -23.79 5.28
C GLN C 104 -13.72 -23.61 6.43
N LYS C 105 -14.73 -24.48 6.50
CA LYS C 105 -15.79 -24.34 7.49
C LYS C 105 -15.33 -24.83 8.86
N ASN C 106 -16.00 -24.32 9.89
CA ASN C 106 -15.87 -24.83 11.27
C ASN C 106 -14.45 -24.72 11.78
N ILE C 107 -13.85 -23.53 11.63
CA ILE C 107 -12.50 -23.28 12.12
C ILE C 107 -12.51 -22.44 13.38
N TRP C 108 -13.15 -21.27 13.36
CA TRP C 108 -13.16 -20.41 14.53
C TRP C 108 -14.17 -20.95 15.53
N THR C 109 -13.85 -20.84 16.83
CA THR C 109 -14.63 -21.48 17.88
C THR C 109 -15.17 -20.54 18.94
N TYR C 110 -14.72 -19.30 19.02
CA TYR C 110 -15.20 -18.40 20.07
C TYR C 110 -16.66 -18.05 19.79
N PRO C 111 -17.60 -18.44 20.66
CA PRO C 111 -19.02 -18.38 20.27
C PRO C 111 -19.54 -17.00 19.89
N LEU C 112 -19.22 -15.96 20.69
CA LEU C 112 -19.70 -14.64 20.34
C LEU C 112 -19.11 -14.18 19.01
N PHE C 113 -17.86 -14.56 18.74
CA PHE C 113 -17.24 -14.27 17.45
C PHE C 113 -17.97 -15.00 16.33
N VAL C 114 -18.18 -16.31 16.48
CA VAL C 114 -18.85 -17.08 15.44
C VAL C 114 -20.25 -16.54 15.20
N ASN C 115 -20.96 -16.19 16.28
CA ASN C 115 -22.32 -15.70 16.11
C ASN C 115 -22.35 -14.33 15.46
N THR C 116 -21.37 -13.47 15.80
CA THR C 116 -21.25 -12.20 15.09
C THR C 116 -20.93 -12.42 13.62
N PHE C 117 -20.00 -13.33 13.32
CA PHE C 117 -19.44 -13.48 11.99
C PHE C 117 -19.76 -14.90 11.53
N SER C 118 -18.81 -15.82 11.63
CA SER C 118 -19.02 -17.22 11.28
C SER C 118 -17.77 -18.00 11.67
N ALA C 119 -17.84 -19.31 11.51
CA ALA C 119 -16.70 -20.16 11.80
C ALA C 119 -15.79 -20.35 10.60
N ASN C 120 -16.13 -19.73 9.46
CA ASN C 120 -15.40 -19.95 8.21
C ASN C 120 -14.07 -19.21 8.23
N ALA C 121 -12.99 -19.93 7.96
CA ALA C 121 -11.74 -19.28 7.61
C ALA C 121 -11.73 -18.94 6.12
N LEU C 122 -11.27 -17.75 5.79
CA LEU C 122 -11.07 -17.35 4.40
C LEU C 122 -9.76 -17.96 3.91
N VAL C 123 -9.83 -18.71 2.82
CA VAL C 123 -8.64 -19.40 2.31
C VAL C 123 -8.31 -19.04 0.87
N GLY C 124 -9.14 -18.24 0.18
CA GLY C 124 -8.77 -17.80 -1.14
C GLY C 124 -9.84 -16.93 -1.78
N LEU C 125 -9.42 -16.18 -2.80
CA LEU C 125 -10.31 -15.29 -3.55
C LEU C 125 -9.91 -15.35 -5.01
N SER C 126 -10.89 -15.58 -5.89
CA SER C 126 -10.65 -15.73 -7.32
C SER C 126 -11.54 -14.75 -8.06
N SER C 127 -10.96 -13.98 -8.98
CA SER C 127 -11.79 -13.15 -9.82
C SER C 127 -12.59 -14.02 -10.78
N CYS C 128 -13.76 -13.53 -11.18
CA CYS C 128 -14.62 -14.24 -12.10
C CYS C 128 -14.87 -13.34 -13.32
N SER C 129 -14.97 -13.96 -14.48
CA SER C 129 -15.53 -13.27 -15.63
C SER C 129 -17.03 -13.55 -15.64
N ALA C 130 -17.71 -13.11 -16.70
CA ALA C 130 -19.14 -13.40 -16.84
C ALA C 130 -19.40 -14.90 -16.90
N THR C 131 -18.42 -15.69 -17.36
CA THR C 131 -18.63 -17.10 -17.63
C THR C 131 -17.83 -18.04 -16.75
N GLN C 132 -16.63 -17.67 -16.31
CA GLN C 132 -15.79 -18.58 -15.53
C GLN C 132 -15.18 -17.83 -14.35
N CYS C 133 -14.82 -18.58 -13.31
CA CYS C 133 -14.02 -18.05 -12.21
C CYS C 133 -12.63 -18.67 -12.29
N PHE C 134 -11.61 -17.83 -12.05
CA PHE C 134 -10.21 -18.21 -12.23
C PHE C 134 -9.67 -18.74 -10.90
N GLY C 135 -9.98 -20.00 -10.63
CA GLY C 135 -9.57 -20.66 -9.42
C GLY C 135 -10.12 -22.07 -9.36
N PRO C 136 -9.69 -22.85 -8.36
CA PRO C 136 -10.12 -24.25 -8.27
C PRO C 136 -11.62 -24.37 -8.00
N LYS C 137 -12.15 -25.54 -8.35
CA LYS C 137 -13.60 -25.73 -8.44
C LYS C 137 -14.12 -27.12 -8.02
N GLU D 24 20.85 -15.79 -12.06
CA GLU D 24 19.52 -15.86 -12.66
C GLU D 24 19.04 -14.44 -12.98
N TRP D 25 18.22 -14.30 -14.02
CA TRP D 25 17.66 -13.01 -14.38
C TRP D 25 16.35 -13.26 -15.11
N THR D 26 15.34 -12.45 -14.81
CA THR D 26 14.12 -12.36 -15.60
C THR D 26 14.39 -12.50 -17.10
N GLY D 27 15.41 -11.79 -17.59
CA GLY D 27 15.77 -11.77 -18.99
C GLY D 27 16.55 -12.94 -19.56
N ASP D 28 16.98 -13.91 -18.75
CA ASP D 28 17.67 -15.08 -19.29
C ASP D 28 16.88 -15.69 -20.44
N ASN D 29 17.60 -16.12 -21.48
CA ASN D 29 16.92 -16.70 -22.64
C ASN D 29 16.34 -18.09 -22.38
N THR D 30 16.53 -18.65 -21.18
CA THR D 30 15.83 -19.87 -20.81
C THR D 30 14.46 -19.60 -20.19
N ASN D 31 14.10 -18.34 -19.97
CA ASN D 31 12.75 -17.97 -19.57
C ASN D 31 11.94 -17.64 -20.81
N ALA D 32 10.63 -17.85 -20.72
CA ALA D 32 9.72 -17.51 -21.82
C ALA D 32 9.00 -16.21 -21.52
N TYR D 33 8.58 -15.52 -22.57
CA TYR D 33 7.85 -14.28 -22.40
C TYR D 33 6.76 -14.19 -23.46
N TYR D 34 5.73 -13.41 -23.14
CA TYR D 34 4.60 -13.21 -24.05
C TYR D 34 4.24 -11.73 -24.05
N SER D 35 4.21 -11.14 -25.24
CA SER D 35 4.14 -9.69 -25.39
C SER D 35 2.71 -9.27 -25.67
N ASP D 36 2.41 -8.01 -25.32
CA ASP D 36 1.14 -7.38 -25.64
C ASP D 36 -0.04 -8.18 -25.08
N GLU D 37 0.04 -8.48 -23.79
CA GLU D 37 -0.99 -9.19 -23.06
C GLU D 37 -1.69 -8.27 -22.07
N VAL D 38 -2.88 -8.66 -21.66
CA VAL D 38 -3.62 -7.99 -20.60
C VAL D 38 -3.85 -9.00 -19.49
N ILE D 39 -3.58 -8.61 -18.25
CA ILE D 39 -3.92 -9.48 -17.13
C ILE D 39 -5.45 -9.46 -16.97
N SER D 40 -6.11 -10.57 -17.28
CA SER D 40 -7.56 -10.63 -17.26
C SER D 40 -8.13 -11.24 -16.00
N GLU D 41 -7.36 -12.04 -15.25
CA GLU D 41 -7.86 -12.67 -14.04
C GLU D 41 -6.73 -12.73 -13.01
N LEU D 42 -7.12 -12.70 -11.73
CA LEU D 42 -6.19 -12.75 -10.61
C LEU D 42 -6.76 -13.63 -9.52
N HIS D 43 -5.91 -14.45 -8.89
CA HIS D 43 -6.34 -15.37 -7.85
C HIS D 43 -5.31 -15.38 -6.74
N VAL D 44 -5.78 -15.45 -5.49
CA VAL D 44 -4.88 -15.52 -4.34
C VAL D 44 -5.33 -16.66 -3.44
N GLY D 45 -4.36 -17.40 -2.91
CA GLY D 45 -4.65 -18.51 -2.04
C GLY D 45 -3.41 -18.86 -1.25
N GLN D 46 -3.38 -20.12 -0.78
CA GLN D 46 -2.25 -20.63 -0.01
C GLN D 46 -2.00 -22.09 -0.35
N ILE D 47 -0.72 -22.48 -0.36
CA ILE D 47 -0.32 -23.85 -0.64
C ILE D 47 0.91 -24.20 0.20
N ASP D 48 0.79 -25.25 1.02
CA ASP D 48 1.91 -25.79 1.79
C ASP D 48 2.64 -24.68 2.55
N THR D 49 1.87 -23.93 3.33
CA THR D 49 2.25 -22.81 4.17
C THR D 49 2.59 -21.55 3.39
N SER D 50 2.54 -21.55 2.06
CA SER D 50 2.95 -20.40 1.26
C SER D 50 1.75 -19.68 0.68
N PRO D 51 1.53 -18.40 1.02
CA PRO D 51 0.62 -17.59 0.22
C PRO D 51 1.11 -17.58 -1.22
N TYR D 52 0.17 -17.59 -2.16
CA TYR D 52 0.56 -17.53 -3.56
C TYR D 52 -0.47 -16.71 -4.31
N PHE D 53 -0.12 -16.32 -5.52
CA PHE D 53 -1.11 -15.76 -6.42
C PHE D 53 -0.83 -16.27 -7.83
N CYS D 54 -1.90 -16.32 -8.63
CA CYS D 54 -1.81 -16.63 -10.05
C CYS D 54 -2.53 -15.57 -10.85
N ILE D 55 -2.06 -15.36 -12.08
CA ILE D 55 -2.69 -14.43 -13.00
C ILE D 55 -2.95 -15.17 -14.31
N LYS D 56 -4.02 -14.76 -14.99
CA LYS D 56 -4.32 -15.16 -16.34
C LYS D 56 -4.16 -13.94 -17.24
N THR D 57 -3.52 -14.11 -18.40
CA THR D 57 -3.37 -13.00 -19.34
C THR D 57 -3.77 -13.46 -20.74
N VAL D 58 -4.32 -12.53 -21.52
CA VAL D 58 -4.69 -12.79 -22.89
C VAL D 58 -4.14 -11.68 -23.79
N LYS D 59 -3.92 -12.01 -25.06
CA LYS D 59 -3.51 -11.00 -26.03
C LYS D 59 -4.51 -9.85 -26.04
N ALA D 60 -3.98 -8.63 -26.07
CA ALA D 60 -4.82 -7.44 -26.08
C ALA D 60 -5.69 -7.38 -27.33
N ASN D 61 -5.16 -7.84 -28.47
CA ASN D 61 -5.94 -7.90 -29.71
C ASN D 61 -6.92 -9.05 -29.74
N GLY D 62 -6.99 -9.84 -28.67
CA GLY D 62 -7.98 -10.89 -28.57
C GLY D 62 -7.62 -12.18 -29.27
N SER D 63 -6.39 -12.33 -29.76
CA SER D 63 -5.98 -13.55 -30.41
C SER D 63 -5.25 -14.47 -29.42
N GLY D 64 -4.75 -15.58 -29.93
CA GLY D 64 -3.87 -16.44 -29.18
C GLY D 64 -4.55 -17.26 -28.11
N ILE D 65 -3.73 -17.85 -27.27
CA ILE D 65 -4.17 -18.73 -26.19
C ILE D 65 -3.79 -18.03 -24.89
N PRO D 66 -4.55 -18.17 -23.81
CA PRO D 66 -4.18 -17.49 -22.56
C PRO D 66 -2.88 -18.02 -21.99
N VAL D 67 -2.22 -17.16 -21.19
CA VAL D 67 -1.05 -17.52 -20.40
C VAL D 67 -1.46 -17.55 -18.93
N VAL D 68 -0.97 -18.56 -18.20
CA VAL D 68 -1.17 -18.66 -16.76
C VAL D 68 0.21 -18.79 -16.10
N ALA D 69 0.44 -17.98 -15.06
CA ALA D 69 1.69 -18.07 -14.30
C ALA D 69 1.37 -17.75 -12.84
N CYS D 70 2.18 -18.30 -11.94
CA CYS D 70 1.96 -18.13 -10.51
C CYS D 70 3.26 -17.74 -9.82
N ALA D 71 3.12 -17.04 -8.69
CA ALA D 71 4.23 -16.78 -7.78
C ALA D 71 3.86 -17.35 -6.43
N VAL D 72 4.81 -18.03 -5.78
CA VAL D 72 4.56 -18.70 -4.51
C VAL D 72 5.57 -18.18 -3.48
N SER D 73 5.05 -17.67 -2.37
CA SER D 73 5.90 -17.06 -1.34
C SER D 73 6.86 -18.09 -0.75
N LYS D 74 8.13 -17.71 -0.63
CA LYS D 74 9.17 -18.60 -0.08
C LYS D 74 9.40 -19.85 -0.93
N GLN D 75 9.01 -19.84 -2.21
CA GLN D 75 9.16 -21.03 -3.05
C GLN D 75 9.77 -20.61 -4.38
N SER D 76 10.77 -21.40 -4.82
CA SER D 76 11.53 -21.23 -6.06
C SER D 76 12.61 -20.16 -5.91
N ILE D 77 13.52 -20.09 -6.88
CA ILE D 77 14.58 -19.08 -6.83
C ILE D 77 13.99 -17.67 -6.89
N TRP D 78 12.74 -17.54 -7.31
CA TRP D 78 12.05 -16.26 -7.51
C TRP D 78 11.35 -15.75 -6.26
N ALA D 79 11.40 -16.51 -5.16
CA ALA D 79 10.82 -16.10 -3.88
C ALA D 79 11.11 -14.64 -3.50
N PRO D 80 12.35 -14.13 -3.59
CA PRO D 80 12.59 -12.74 -3.15
C PRO D 80 11.65 -11.72 -3.76
N SER D 81 11.15 -11.97 -4.97
CA SER D 81 10.36 -10.97 -5.67
C SER D 81 8.85 -11.12 -5.48
N PHE D 82 8.41 -12.01 -4.59
CA PHE D 82 6.99 -12.35 -4.53
C PHE D 82 6.13 -11.12 -4.34
N LYS D 83 6.47 -10.29 -3.35
CA LYS D 83 5.66 -9.12 -3.03
C LYS D 83 5.70 -8.08 -4.16
N GLU D 84 6.88 -7.88 -4.75
CA GLU D 84 7.00 -6.93 -5.86
C GLU D 84 6.10 -7.35 -7.03
N LEU D 85 6.12 -8.64 -7.36
CA LEU D 85 5.32 -9.16 -8.46
C LEU D 85 3.84 -9.12 -8.14
N LEU D 86 3.48 -9.47 -6.90
CA LEU D 86 2.08 -9.38 -6.50
C LEU D 86 1.58 -7.95 -6.61
N ASP D 87 2.34 -6.99 -6.08
CA ASP D 87 1.93 -5.60 -6.18
C ASP D 87 1.82 -5.15 -7.63
N GLN D 88 2.79 -5.54 -8.47
CA GLN D 88 2.79 -5.07 -9.84
C GLN D 88 1.69 -5.74 -10.66
N ALA D 89 1.49 -7.05 -10.48
CA ALA D 89 0.35 -7.72 -11.12
C ALA D 89 -0.96 -7.07 -10.73
N ARG D 90 -1.12 -6.69 -9.45
CA ARG D 90 -2.34 -6.00 -9.01
C ARG D 90 -2.54 -4.71 -9.80
N TYR D 91 -1.47 -3.93 -9.94
CA TYR D 91 -1.62 -2.63 -10.59
C TYR D 91 -1.99 -2.81 -12.05
N PHE D 92 -1.19 -3.60 -12.77
CA PHE D 92 -1.42 -3.82 -14.19
C PHE D 92 -2.77 -4.47 -14.43
N TYR D 93 -3.21 -5.33 -13.50
CA TYR D 93 -4.55 -5.89 -13.56
C TYR D 93 -5.60 -4.79 -13.50
N SER D 94 -5.46 -3.86 -12.54
CA SER D 94 -6.51 -2.86 -12.35
C SER D 94 -6.60 -1.88 -13.51
N THR D 95 -5.50 -1.67 -14.26
CA THR D 95 -5.57 -0.77 -15.40
C THR D 95 -5.91 -1.47 -16.70
N GLY D 96 -5.75 -2.80 -16.76
CA GLY D 96 -6.01 -3.50 -18.00
C GLY D 96 -5.07 -3.12 -19.14
N GLN D 97 -3.93 -2.51 -18.83
CA GLN D 97 -3.02 -2.07 -19.88
C GLN D 97 -2.22 -3.24 -20.42
N SER D 98 -1.66 -3.05 -21.60
CA SER D 98 -0.94 -4.11 -22.29
C SER D 98 0.47 -4.28 -21.72
N VAL D 99 0.87 -5.53 -21.53
CA VAL D 99 2.10 -5.87 -20.80
C VAL D 99 2.76 -7.08 -21.44
N ARG D 100 4.06 -7.22 -21.18
CA ARG D 100 4.78 -8.45 -21.44
C ARG D 100 4.88 -9.24 -20.15
N ILE D 101 4.55 -10.52 -20.20
CA ILE D 101 4.65 -11.39 -19.04
C ILE D 101 5.82 -12.33 -19.24
N HIS D 102 6.70 -12.41 -18.25
CA HIS D 102 7.91 -13.24 -18.29
C HIS D 102 7.73 -14.41 -17.32
N VAL D 103 8.03 -15.63 -17.78
CA VAL D 103 7.83 -16.83 -16.96
C VAL D 103 9.03 -17.76 -17.07
N GLN D 104 9.21 -18.60 -16.05
CA GLN D 104 10.08 -19.78 -16.13
C GLN D 104 9.18 -21.01 -16.09
N LYS D 105 9.32 -21.88 -17.09
CA LYS D 105 8.45 -23.02 -17.22
C LYS D 105 8.88 -24.16 -16.30
N ASN D 106 7.90 -25.00 -15.95
CA ASN D 106 8.15 -26.27 -15.28
C ASN D 106 8.78 -26.08 -13.89
N ILE D 107 8.22 -25.17 -13.12
CA ILE D 107 8.71 -24.91 -11.78
C ILE D 107 7.85 -25.57 -10.70
N TRP D 108 6.55 -25.31 -10.71
CA TRP D 108 5.66 -25.91 -9.72
C TRP D 108 5.42 -27.38 -10.06
N THR D 109 5.46 -28.25 -9.04
CA THR D 109 5.37 -29.69 -9.29
C THR D 109 4.11 -30.36 -8.76
N TYR D 110 3.35 -29.72 -7.86
CA TYR D 110 2.11 -30.34 -7.38
C TYR D 110 1.15 -30.51 -8.55
N PRO D 111 0.85 -31.76 -8.97
CA PRO D 111 0.15 -31.94 -10.26
C PRO D 111 -1.24 -31.32 -10.29
N LEU D 112 -1.99 -31.45 -9.20
CA LEU D 112 -3.32 -30.85 -9.14
C LEU D 112 -3.24 -29.33 -9.20
N PHE D 113 -2.28 -28.74 -8.49
CA PHE D 113 -2.04 -27.31 -8.62
C PHE D 113 -1.72 -26.94 -10.05
N VAL D 114 -0.81 -27.70 -10.68
CA VAL D 114 -0.42 -27.40 -12.06
C VAL D 114 -1.60 -27.56 -12.99
N ASN D 115 -2.42 -28.59 -12.78
CA ASN D 115 -3.58 -28.80 -13.63
C ASN D 115 -4.59 -27.67 -13.50
N THR D 116 -4.79 -27.14 -12.29
CA THR D 116 -5.72 -26.02 -12.11
C THR D 116 -5.15 -24.74 -12.71
N PHE D 117 -3.86 -24.47 -12.49
CA PHE D 117 -3.26 -23.23 -12.92
C PHE D 117 -2.23 -23.56 -13.98
N SER D 118 -0.94 -23.61 -13.63
CA SER D 118 0.11 -24.04 -14.54
C SER D 118 1.37 -24.27 -13.71
N ALA D 119 2.44 -24.72 -14.36
CA ALA D 119 3.72 -24.91 -13.70
C ALA D 119 4.63 -23.71 -13.85
N ASN D 120 4.15 -22.66 -14.54
CA ASN D 120 4.96 -21.47 -14.79
C ASN D 120 5.15 -20.68 -13.51
N ALA D 121 6.40 -20.33 -13.23
CA ALA D 121 6.68 -19.32 -12.23
C ALA D 121 6.73 -17.97 -12.91
N LEU D 122 5.98 -17.01 -12.38
CA LEU D 122 6.06 -15.64 -12.89
C LEU D 122 7.38 -15.01 -12.45
N VAL D 123 8.09 -14.40 -13.41
CA VAL D 123 9.43 -13.91 -13.11
C VAL D 123 9.60 -12.43 -13.46
N GLY D 124 8.61 -11.83 -14.11
CA GLY D 124 8.76 -10.43 -14.51
C GLY D 124 7.53 -9.91 -15.22
N LEU D 125 7.44 -8.57 -15.27
CA LEU D 125 6.32 -7.89 -15.90
C LEU D 125 6.82 -6.57 -16.47
N SER D 126 6.46 -6.30 -17.73
CA SER D 126 6.91 -5.10 -18.44
C SER D 126 5.70 -4.42 -19.06
N SER D 127 5.57 -3.10 -18.87
CA SER D 127 4.58 -2.37 -19.63
C SER D 127 4.95 -2.40 -21.11
N CYS D 128 3.93 -2.36 -21.98
CA CYS D 128 4.14 -2.30 -23.42
C CYS D 128 3.48 -1.06 -23.99
N SER D 129 4.20 -0.31 -24.81
CA SER D 129 3.58 0.74 -25.60
C SER D 129 2.92 0.12 -26.84
N ALA D 130 2.29 0.97 -27.65
CA ALA D 130 1.79 0.53 -28.94
C ALA D 130 2.91 0.00 -29.82
N THR D 131 4.16 0.38 -29.53
CA THR D 131 5.32 0.11 -30.35
C THR D 131 6.26 -0.94 -29.76
N GLN D 132 6.46 -0.93 -28.44
CA GLN D 132 7.51 -1.72 -27.83
C GLN D 132 7.09 -2.13 -26.43
N CYS D 133 7.72 -3.19 -25.92
CA CYS D 133 7.59 -3.60 -24.54
C CYS D 133 8.88 -3.25 -23.80
N PHE D 134 8.75 -2.65 -22.62
CA PHE D 134 9.91 -2.13 -21.90
C PHE D 134 10.47 -3.26 -21.03
N GLY D 135 11.17 -4.19 -21.69
CA GLY D 135 11.79 -5.29 -20.99
C GLY D 135 12.59 -6.20 -21.90
N PRO D 136 13.23 -7.21 -21.31
CA PRO D 136 14.07 -8.10 -22.12
C PRO D 136 13.24 -8.92 -23.09
N LYS D 137 13.88 -9.28 -24.20
CA LYS D 137 13.21 -10.03 -25.27
C LYS D 137 13.99 -11.27 -25.66
N GLU E 24 26.73 10.22 0.89
CA GLU E 24 26.18 10.32 -0.44
C GLU E 24 24.84 11.02 -0.35
N TRP E 25 24.38 11.57 -1.46
CA TRP E 25 23.10 12.26 -1.46
C TRP E 25 22.57 12.29 -2.89
N THR E 26 21.25 12.09 -3.02
CA THR E 26 20.53 12.31 -4.27
C THR E 26 20.99 13.59 -4.97
N GLY E 27 21.20 14.66 -4.20
CA GLY E 27 21.54 15.92 -4.83
C GLY E 27 23.00 16.14 -5.19
N ASP E 28 23.87 15.14 -5.00
CA ASP E 28 25.30 15.32 -5.24
C ASP E 28 25.59 15.75 -6.67
N ASN E 29 26.59 16.64 -6.81
CA ASN E 29 27.23 17.07 -8.04
C ASN E 29 27.38 15.96 -9.08
N THR E 30 27.79 14.78 -8.63
CA THR E 30 28.24 13.70 -9.47
C THR E 30 27.09 12.81 -9.93
N ASN E 31 25.85 13.17 -9.62
CA ASN E 31 24.65 12.56 -10.18
C ASN E 31 24.09 13.47 -11.26
N ALA E 32 23.30 12.88 -12.16
CA ALA E 32 22.64 13.63 -13.22
C ALA E 32 21.14 13.70 -12.96
N TYR E 33 20.50 14.70 -13.53
CA TYR E 33 19.06 14.82 -13.41
C TYR E 33 18.45 15.36 -14.70
N TYR E 34 17.17 15.06 -14.88
CA TYR E 34 16.43 15.45 -16.07
C TYR E 34 15.05 15.90 -15.60
N SER E 35 14.70 17.15 -15.88
CA SER E 35 13.49 17.76 -15.35
C SER E 35 12.34 17.70 -16.35
N ASP E 36 11.13 17.89 -15.83
CA ASP E 36 9.91 17.93 -16.64
C ASP E 36 9.75 16.65 -17.47
N GLU E 37 9.88 15.51 -16.81
CA GLU E 37 9.76 14.21 -17.45
C GLU E 37 8.51 13.51 -16.96
N VAL E 38 8.03 12.58 -17.77
CA VAL E 38 6.88 11.74 -17.41
C VAL E 38 7.34 10.30 -17.46
N ILE E 39 6.94 9.53 -16.44
CA ILE E 39 7.30 8.11 -16.42
C ILE E 39 6.40 7.40 -17.43
N SER E 40 6.99 6.93 -18.54
CA SER E 40 6.18 6.36 -19.60
C SER E 40 6.15 4.83 -19.62
N GLU E 41 7.10 4.16 -18.96
CA GLU E 41 7.13 2.70 -18.92
C GLU E 41 7.68 2.24 -17.57
N LEU E 42 7.22 1.05 -17.14
CA LEU E 42 7.69 0.49 -15.89
C LEU E 42 7.86 -1.02 -16.05
N HIS E 43 8.90 -1.57 -15.44
CA HIS E 43 9.23 -3.00 -15.52
C HIS E 43 9.70 -3.47 -14.15
N VAL E 44 9.27 -4.67 -13.74
CA VAL E 44 9.75 -5.28 -12.51
C VAL E 44 10.29 -6.67 -12.82
N GLY E 45 11.33 -7.08 -12.09
CA GLY E 45 11.92 -8.37 -12.29
C GLY E 45 12.80 -8.77 -11.13
N GLN E 46 13.66 -9.76 -11.37
CA GLN E 46 14.62 -10.22 -10.38
C GLN E 46 15.94 -10.51 -11.07
N ILE E 47 17.04 -10.22 -10.37
CA ILE E 47 18.38 -10.54 -10.87
C ILE E 47 19.26 -10.87 -9.67
N ASP E 48 19.85 -12.06 -9.70
CA ASP E 48 20.83 -12.48 -8.70
C ASP E 48 20.27 -12.35 -7.28
N THR E 49 19.11 -12.95 -7.07
CA THR E 49 18.34 -12.98 -5.83
C THR E 49 17.74 -11.63 -5.47
N SER E 50 17.92 -10.59 -6.29
CA SER E 50 17.45 -9.26 -5.91
C SER E 50 16.30 -8.83 -6.79
N PRO E 51 15.14 -8.50 -6.20
CA PRO E 51 14.11 -7.79 -6.97
C PRO E 51 14.67 -6.47 -7.48
N TYR E 52 14.14 -6.02 -8.61
CA TYR E 52 14.59 -4.78 -9.18
C TYR E 52 13.45 -4.22 -10.00
N PHE E 53 13.52 -2.93 -10.28
CA PHE E 53 12.58 -2.34 -11.21
C PHE E 53 13.33 -1.35 -12.07
N CYS E 54 12.76 -1.03 -13.22
CA CYS E 54 13.30 -0.04 -14.12
C CYS E 54 12.16 0.83 -14.61
N ILE E 55 12.46 2.09 -14.91
CA ILE E 55 11.48 3.00 -15.49
C ILE E 55 12.10 3.68 -16.70
N LYS E 56 11.24 4.03 -17.66
CA LYS E 56 11.57 4.90 -18.77
C LYS E 56 10.82 6.20 -18.60
N THR E 57 11.50 7.33 -18.83
CA THR E 57 10.87 8.65 -18.77
C THR E 57 11.13 9.39 -20.08
N VAL E 58 10.16 10.21 -20.47
CA VAL E 58 10.30 11.08 -21.63
C VAL E 58 9.88 12.49 -21.23
N LYS E 59 10.42 13.48 -21.94
CA LYS E 59 10.06 14.87 -21.67
C LYS E 59 8.56 15.05 -21.85
N ALA E 60 7.95 15.77 -20.90
CA ALA E 60 6.52 16.05 -20.99
C ALA E 60 6.16 16.75 -22.29
N ASN E 61 6.98 17.70 -22.74
CA ASN E 61 6.70 18.43 -23.97
C ASN E 61 7.12 17.67 -25.22
N GLY E 62 7.49 16.39 -25.11
CA GLY E 62 7.74 15.55 -26.25
C GLY E 62 9.14 15.63 -26.82
N SER E 63 9.95 16.58 -26.36
CA SER E 63 11.26 16.79 -26.95
C SER E 63 12.24 15.73 -26.46
N GLY E 64 13.43 15.74 -27.06
CA GLY E 64 14.57 15.04 -26.49
C GLY E 64 14.54 13.53 -26.65
N ILE E 65 15.20 12.88 -25.70
CA ILE E 65 15.58 11.47 -25.74
C ILE E 65 15.13 10.83 -24.44
N PRO E 66 14.63 9.58 -24.46
CA PRO E 66 14.17 8.97 -23.21
C PRO E 66 15.32 8.71 -22.24
N VAL E 67 14.99 8.72 -20.95
CA VAL E 67 15.89 8.34 -19.87
C VAL E 67 15.43 7.00 -19.31
N VAL E 68 16.37 6.09 -19.08
CA VAL E 68 16.09 4.79 -18.49
C VAL E 68 16.90 4.67 -17.20
N ALA E 69 16.26 4.25 -16.12
CA ALA E 69 16.97 4.08 -14.85
C ALA E 69 16.36 2.92 -14.08
N CYS E 70 17.22 2.24 -13.32
CA CYS E 70 16.81 1.06 -12.56
C CYS E 70 17.28 1.16 -11.12
N ALA E 71 16.60 0.41 -10.26
CA ALA E 71 17.00 0.25 -8.87
C ALA E 71 16.99 -1.23 -8.56
N VAL E 72 18.02 -1.70 -7.86
CA VAL E 72 18.22 -3.11 -7.58
C VAL E 72 18.29 -3.25 -6.06
N SER E 73 17.41 -4.09 -5.52
CA SER E 73 17.11 -4.04 -4.08
C SER E 73 18.32 -4.35 -3.22
N LYS E 74 19.20 -5.25 -3.67
CA LYS E 74 20.31 -5.64 -2.80
C LYS E 74 21.64 -5.08 -3.25
N GLN E 75 21.66 -4.09 -4.16
CA GLN E 75 22.90 -3.72 -4.82
C GLN E 75 23.05 -2.20 -4.89
N SER E 76 24.32 -1.77 -4.83
CA SER E 76 24.76 -0.38 -4.91
C SER E 76 24.51 0.37 -3.61
N ILE E 77 25.13 1.54 -3.44
CA ILE E 77 24.95 2.28 -2.20
C ILE E 77 23.54 2.81 -2.03
N TRP E 78 22.74 2.80 -3.10
CA TRP E 78 21.36 3.26 -3.10
C TRP E 78 20.38 2.16 -2.73
N ALA E 79 20.87 0.97 -2.45
CA ALA E 79 20.01 -0.13 -2.04
C ALA E 79 19.02 0.23 -0.94
N PRO E 80 19.39 0.97 0.13
CA PRO E 80 18.41 1.23 1.20
C PRO E 80 17.14 1.92 0.75
N SER E 81 17.17 2.64 -0.37
CA SER E 81 16.02 3.41 -0.83
C SER E 81 15.16 2.67 -1.84
N PHE E 82 15.45 1.38 -2.08
CA PHE E 82 14.75 0.64 -3.14
C PHE E 82 13.23 0.71 -2.99
N LYS E 83 12.71 0.34 -1.80
CA LYS E 83 11.27 0.31 -1.62
C LYS E 83 10.67 1.70 -1.78
N GLU E 84 11.31 2.71 -1.19
CA GLU E 84 10.78 4.07 -1.29
C GLU E 84 10.71 4.52 -2.74
N LEU E 85 11.77 4.27 -3.52
CA LEU E 85 11.76 4.68 -4.93
C LEU E 85 10.76 3.86 -5.76
N LEU E 86 10.67 2.55 -5.51
CA LEU E 86 9.66 1.75 -6.20
C LEU E 86 8.26 2.32 -5.96
N ASP E 87 7.91 2.58 -4.70
CA ASP E 87 6.59 3.11 -4.40
C ASP E 87 6.37 4.47 -5.06
N GLN E 88 7.39 5.33 -5.02
CA GLN E 88 7.20 6.67 -5.56
C GLN E 88 7.18 6.65 -7.08
N ALA E 89 8.03 5.84 -7.71
CA ALA E 89 7.94 5.65 -9.15
C ALA E 89 6.56 5.18 -9.56
N ARG E 90 5.98 4.25 -8.79
CA ARG E 90 4.65 3.72 -9.12
C ARG E 90 3.60 4.81 -9.04
N TYR E 91 3.67 5.66 -8.02
CA TYR E 91 2.70 6.74 -7.88
C TYR E 91 2.80 7.72 -9.05
N PHE E 92 4.01 8.19 -9.35
CA PHE E 92 4.19 9.16 -10.43
C PHE E 92 3.85 8.57 -11.79
N TYR E 93 4.13 7.28 -11.97
CA TYR E 93 3.68 6.57 -13.16
C TYR E 93 2.16 6.58 -13.25
N SER E 94 1.48 6.23 -12.16
CA SER E 94 0.02 6.13 -12.20
C SER E 94 -0.64 7.48 -12.45
N THR E 95 -0.01 8.60 -12.06
CA THR E 95 -0.57 9.92 -12.29
C THR E 95 -0.15 10.55 -13.61
N GLY E 96 0.94 10.09 -14.21
CA GLY E 96 1.41 10.73 -15.42
C GLY E 96 1.92 12.13 -15.23
N GLN E 97 2.29 12.51 -14.01
CA GLN E 97 2.66 13.88 -13.75
C GLN E 97 4.15 14.14 -14.00
N SER E 98 4.47 15.42 -14.19
CA SER E 98 5.81 15.85 -14.54
C SER E 98 6.73 15.78 -13.32
N VAL E 99 7.91 15.20 -13.51
CA VAL E 99 8.84 14.93 -12.43
C VAL E 99 10.25 15.26 -12.90
N ARG E 100 11.13 15.48 -11.94
CA ARG E 100 12.56 15.46 -12.19
C ARG E 100 13.12 14.13 -11.73
N ILE E 101 13.82 13.44 -12.61
CA ILE E 101 14.42 12.16 -12.30
C ILE E 101 15.90 12.37 -12.04
N HIS E 102 16.40 11.78 -10.96
CA HIS E 102 17.81 11.84 -10.59
C HIS E 102 18.40 10.45 -10.72
N VAL E 103 19.60 10.36 -11.33
CA VAL E 103 20.25 9.09 -11.55
C VAL E 103 21.73 9.24 -11.20
N GLN E 104 22.37 8.11 -10.93
CA GLN E 104 23.84 8.05 -10.97
C GLN E 104 24.23 7.15 -12.13
N LYS E 105 25.07 7.66 -13.03
CA LYS E 105 25.44 6.94 -14.23
C LYS E 105 26.45 5.84 -13.93
N ASN E 106 26.50 4.85 -14.83
CA ASN E 106 27.55 3.82 -14.85
C ASN E 106 27.60 3.01 -13.56
N ILE E 107 26.47 2.48 -13.13
CA ILE E 107 26.41 1.65 -11.93
C ILE E 107 26.22 0.18 -12.27
N TRP E 108 25.19 -0.15 -13.04
CA TRP E 108 24.91 -1.56 -13.30
C TRP E 108 25.87 -2.11 -14.35
N THR E 109 26.25 -3.38 -14.18
CA THR E 109 27.36 -3.97 -14.91
C THR E 109 27.00 -5.16 -15.78
N TYR E 110 25.99 -5.97 -15.42
CA TYR E 110 25.69 -7.15 -16.23
C TYR E 110 25.36 -6.72 -17.66
N PRO E 111 26.16 -7.11 -18.65
CA PRO E 111 26.04 -6.50 -19.97
C PRO E 111 24.66 -6.63 -20.60
N LEU E 112 24.07 -7.83 -20.56
CA LEU E 112 22.74 -8.00 -21.16
C LEU E 112 21.70 -7.10 -20.48
N PHE E 113 21.81 -6.97 -19.15
CA PHE E 113 20.92 -6.08 -18.39
C PHE E 113 21.06 -4.64 -18.84
N VAL E 114 22.31 -4.17 -18.94
CA VAL E 114 22.56 -2.79 -19.35
C VAL E 114 22.01 -2.54 -20.75
N ASN E 115 22.16 -3.53 -21.64
CA ASN E 115 21.70 -3.35 -23.01
C ASN E 115 20.18 -3.21 -23.10
N THR E 116 19.44 -4.02 -22.34
CA THR E 116 17.99 -3.88 -22.36
C THR E 116 17.56 -2.57 -21.74
N PHE E 117 18.17 -2.20 -20.59
CA PHE E 117 17.73 -1.06 -19.80
C PHE E 117 18.81 0.01 -19.87
N SER E 118 19.61 0.18 -18.83
CA SER E 118 20.76 1.07 -18.86
C SER E 118 21.59 0.77 -17.61
N ALA E 119 22.68 1.50 -17.46
CA ALA E 119 23.53 1.40 -16.28
C ALA E 119 23.19 2.47 -15.24
N ASN E 120 22.19 3.31 -15.51
CA ASN E 120 21.82 4.33 -14.54
C ASN E 120 21.10 3.70 -13.35
N ALA E 121 21.60 4.00 -12.14
CA ALA E 121 20.87 3.75 -10.91
C ALA E 121 19.92 4.92 -10.63
N LEU E 122 18.66 4.62 -10.32
CA LEU E 122 17.74 5.67 -9.90
C LEU E 122 18.07 6.08 -8.47
N VAL E 123 18.22 7.38 -8.22
CA VAL E 123 18.58 7.86 -6.89
C VAL E 123 17.63 8.90 -6.34
N GLY E 124 16.59 9.28 -7.07
CA GLY E 124 15.67 10.26 -6.54
C GLY E 124 14.61 10.69 -7.52
N LEU E 125 13.44 11.06 -7.01
CA LEU E 125 12.33 11.53 -7.82
C LEU E 125 11.77 12.80 -7.18
N SER E 126 11.54 13.83 -8.00
CA SER E 126 11.03 15.12 -7.54
C SER E 126 9.84 15.54 -8.37
N SER E 127 8.75 15.93 -7.71
CA SER E 127 7.59 16.41 -8.44
C SER E 127 7.89 17.82 -8.98
N CYS E 128 7.19 18.18 -10.04
CA CYS E 128 7.38 19.47 -10.68
C CYS E 128 6.05 20.18 -10.81
N SER E 129 6.10 21.51 -10.81
CA SER E 129 5.01 22.33 -11.32
C SER E 129 5.36 22.76 -12.73
N ALA E 130 4.68 23.80 -13.23
CA ALA E 130 4.98 24.29 -14.57
C ALA E 130 6.45 24.70 -14.70
N THR E 131 6.93 25.48 -13.74
CA THR E 131 8.18 26.21 -13.89
C THR E 131 9.37 25.59 -13.15
N GLN E 132 9.13 24.85 -12.07
CA GLN E 132 10.22 24.40 -11.23
C GLN E 132 9.92 23.01 -10.68
N CYS E 133 10.98 22.32 -10.29
CA CYS E 133 10.89 21.01 -9.68
C CYS E 133 11.38 21.09 -8.25
N PHE E 134 10.74 20.32 -7.36
CA PHE E 134 11.03 20.37 -5.93
C PHE E 134 12.11 19.33 -5.60
N GLY E 135 13.34 19.71 -5.86
CA GLY E 135 14.47 18.86 -5.61
C GLY E 135 15.74 19.63 -5.93
N PRO E 136 16.89 19.03 -5.67
CA PRO E 136 18.16 19.71 -5.92
C PRO E 136 18.43 19.87 -7.40
N LYS E 137 19.27 20.87 -7.71
CA LYS E 137 19.45 21.39 -9.08
C LYS E 137 20.90 21.34 -9.58
#